data_9DA2
#
_entry.id   9DA2
#
_cell.length_a   60.538
_cell.length_b   64.768
_cell.length_c   128.758
_cell.angle_alpha   90.00
_cell.angle_beta   90.00
_cell.angle_gamma   90.00
#
_symmetry.space_group_name_H-M   'C 2 2 21'
#
loop_
_entity.id
_entity.type
_entity.pdbx_description
1 polymer '5-hydroxymethyl-dUMP N-hydrolase'
2 non-polymer 1-(2-deoxy-2-fluoro-5-O-phosphono-beta-D-arabinofuranosyl)-5-(hydroxymethyl)pyrimidine-2,4(1H,3H)-dione
3 non-polymer 1,2-ETHANEDIOL
4 non-polymer DI(HYDROXYETHYL)ETHER
5 water water
#
_entity_poly.entity_id   1
_entity_poly.type   'polypeptide(L)'
_entity_poly.pdbx_seq_one_letter_code
;SMRPALYFCGSIRGGREDRTLYERIVSRLRRFGTVLTEHVAAAELGARGEEAAGGDRLIHEQDLEWLQQADVVVAEVTQP
SLGVGYELGRAVAFNKRILCLFRPQSGRVLSAMIRGAADGSRFQVWDYEEGEVEALLDRYFEADP
;
_entity_poly.pdbx_strand_id   A,B
#
loop_
_chem_comp.id
_chem_comp.type
_chem_comp.name
_chem_comp.formula
A1BBC non-polymer 1-(2-deoxy-2-fluoro-5-O-phosphono-beta-D-arabinofuranosyl)-5-(hydroxymethyl)pyrimidine-2,4(1H,3H)-dione 'C10 H14 F N2 O9 P'
EDO non-polymer 1,2-ETHANEDIOL 'C2 H6 O2'
PEG non-polymer DI(HYDROXYETHYL)ETHER 'C4 H10 O3'
#
# COMPACT_ATOMS: atom_id res chain seq x y z
N ARG A 3 20.13 18.04 -9.37
CA ARG A 3 19.13 18.09 -8.31
C ARG A 3 18.04 17.06 -8.60
N PRO A 4 17.83 16.14 -7.67
CA PRO A 4 16.88 15.04 -7.93
C PRO A 4 15.44 15.51 -7.94
N ALA A 5 14.62 14.75 -8.65
CA ALA A 5 13.17 14.87 -8.57
C ALA A 5 12.71 13.94 -7.45
N LEU A 6 11.83 14.42 -6.60
CA LEU A 6 11.46 13.71 -5.39
C LEU A 6 9.96 13.51 -5.31
N TYR A 7 9.57 12.35 -4.81
CA TYR A 7 8.16 11.98 -4.65
C TYR A 7 7.94 11.65 -3.19
N PHE A 8 7.01 12.33 -2.53
CA PHE A 8 6.74 12.13 -1.11
C PHE A 8 5.40 11.42 -0.92
N CYS A 9 5.40 10.39 -0.06
CA CYS A 9 4.22 9.61 0.29
C CYS A 9 3.93 9.75 1.77
N GLY A 10 2.66 10.02 2.11
CA GLY A 10 2.19 10.00 3.49
C GLY A 10 0.69 9.90 3.53
N SER A 11 0.16 9.25 4.56
CA SER A 11 -1.27 8.97 4.68
C SER A 11 -2.12 10.23 4.57
N ILE A 12 -3.24 10.12 3.83
CA ILE A 12 -4.26 11.15 3.78
C ILE A 12 -5.58 10.53 4.22
N ARG A 13 -6.19 9.70 3.37
CA ARG A 13 -7.43 9.00 3.77
C ARG A 13 -7.18 7.94 4.82
N GLY A 14 -5.94 7.48 4.99
CA GLY A 14 -5.64 6.65 6.13
C GLY A 14 -5.70 7.40 7.44
N GLY A 15 -5.72 8.71 7.39
CA GLY A 15 -5.68 9.56 8.56
C GLY A 15 -4.57 10.58 8.41
N ARG A 16 -4.80 11.81 8.90
CA ARG A 16 -3.85 12.90 8.77
C ARG A 16 -3.12 13.21 10.08
N GLU A 17 -3.00 12.21 10.95
CA GLU A 17 -2.35 12.39 12.24
C GLU A 17 -0.97 13.01 12.11
N ASP A 18 -0.22 12.63 11.07
CA ASP A 18 1.17 13.06 10.93
C ASP A 18 1.36 14.19 9.91
N ARG A 19 0.28 14.90 9.61
CA ARG A 19 0.34 15.96 8.58
C ARG A 19 1.43 17.02 8.82
N THR A 20 1.62 17.46 10.06
CA THR A 20 2.63 18.49 10.34
C THR A 20 4.03 17.96 10.07
N LEU A 21 4.26 16.70 10.44
CA LEU A 21 5.53 16.05 10.15
C LEU A 21 5.73 15.92 8.65
N TYR A 22 4.68 15.58 7.90
CA TYR A 22 4.83 15.50 6.46
C TYR A 22 5.25 16.85 5.90
N GLU A 23 4.67 17.92 6.42
CA GLU A 23 5.04 19.26 5.97
C GLU A 23 6.52 19.55 6.26
N ARG A 24 7.03 19.10 7.42
CA ARG A 24 8.44 19.25 7.71
C ARG A 24 9.30 18.45 6.74
N ILE A 25 8.87 17.23 6.40
CA ILE A 25 9.64 16.41 5.48
C ILE A 25 9.70 17.07 4.12
N VAL A 26 8.55 17.52 3.60
CA VAL A 26 8.53 18.17 2.30
C VAL A 26 9.37 19.45 2.32
N SER A 27 9.27 20.24 3.40
CA SER A 27 10.10 21.44 3.49
C SER A 27 11.57 21.09 3.33
N ARG A 28 12.02 20.03 3.98
CA ARG A 28 13.42 19.64 3.89
C ARG A 28 13.76 19.07 2.52
N LEU A 29 12.89 18.23 1.96
CA LEU A 29 13.14 17.71 0.63
C LEU A 29 13.29 18.83 -0.39
N ARG A 30 12.50 19.90 -0.26
CA ARG A 30 12.59 21.02 -1.18
C ARG A 30 13.97 21.66 -1.15
N ARG A 31 14.72 21.53 -0.05
CA ARG A 31 16.09 22.05 -0.03
C ARG A 31 16.99 21.32 -1.02
N PHE A 32 16.63 20.08 -1.38
CA PHE A 32 17.49 19.19 -2.15
C PHE A 32 17.07 19.02 -3.59
N GLY A 33 15.79 19.17 -3.89
CA GLY A 33 15.32 18.89 -5.22
C GLY A 33 13.91 19.36 -5.42
N THR A 34 13.35 19.01 -6.58
CA THR A 34 11.98 19.37 -6.93
C THR A 34 11.06 18.30 -6.38
N VAL A 35 10.14 18.69 -5.50
CA VAL A 35 9.15 17.75 -4.95
C VAL A 35 7.97 17.70 -5.91
N LEU A 36 7.87 16.61 -6.67
CA LEU A 36 6.83 16.48 -7.69
C LEU A 36 5.45 16.41 -7.07
N THR A 37 5.38 15.87 -5.84
CA THR A 37 4.25 15.77 -4.93
C THR A 37 3.59 14.40 -5.04
N GLY A 54 -11.17 14.82 -12.60
CA GLY A 54 -11.42 13.42 -12.91
C GLY A 54 -11.37 12.56 -11.69
N GLY A 55 -11.60 13.18 -10.53
CA GLY A 55 -11.80 12.44 -9.30
C GLY A 55 -10.57 11.62 -8.92
N ASP A 56 -10.84 10.45 -8.36
CA ASP A 56 -9.74 9.60 -7.89
C ASP A 56 -8.92 9.05 -9.05
N ARG A 57 -9.53 8.82 -10.20
CA ARG A 57 -8.78 8.31 -11.37
C ARG A 57 -7.67 9.30 -11.72
N LEU A 58 -7.97 10.58 -11.80
CA LEU A 58 -6.94 11.55 -12.19
C LEU A 58 -5.82 11.58 -11.14
N ILE A 59 -6.16 11.49 -9.86
CA ILE A 59 -5.15 11.42 -8.82
C ILE A 59 -4.21 10.26 -9.07
N HIS A 60 -4.75 9.08 -9.30
CA HIS A 60 -3.94 7.88 -9.52
C HIS A 60 -3.04 8.05 -10.75
N GLU A 61 -3.62 8.54 -11.86
CA GLU A 61 -2.84 8.65 -13.08
C GLU A 61 -1.73 9.68 -12.98
N GLN A 62 -2.03 10.84 -12.40
CA GLN A 62 -0.99 11.86 -12.26
C GLN A 62 0.10 11.39 -11.32
N ASP A 63 -0.29 10.74 -10.22
CA ASP A 63 0.72 10.25 -9.29
C ASP A 63 1.60 9.21 -9.95
N LEU A 64 1.03 8.32 -10.77
CA LEU A 64 1.87 7.31 -11.40
C LEU A 64 2.86 7.93 -12.39
N GLU A 65 2.49 9.00 -13.06
CA GLU A 65 3.45 9.70 -13.90
C GLU A 65 4.61 10.24 -13.09
N TRP A 66 4.31 10.90 -11.97
CA TRP A 66 5.36 11.46 -11.12
C TRP A 66 6.23 10.37 -10.51
N LEU A 67 5.61 9.26 -10.13
CA LEU A 67 6.38 8.17 -9.54
CA LEU A 67 6.38 8.16 -9.54
C LEU A 67 7.44 7.67 -10.50
N GLN A 68 7.11 7.56 -11.79
CA GLN A 68 8.10 7.12 -12.77
C GLN A 68 9.17 8.16 -13.02
N GLN A 69 8.85 9.45 -12.82
CA GLN A 69 9.85 10.50 -12.99
C GLN A 69 10.78 10.67 -11.80
N ALA A 70 10.39 10.18 -10.65
CA ALA A 70 11.14 10.47 -9.43
C ALA A 70 12.51 9.79 -9.43
N ASP A 71 13.49 10.51 -8.91
CA ASP A 71 14.78 9.90 -8.61
C ASP A 71 14.78 9.18 -7.28
N VAL A 72 14.06 9.70 -6.29
CA VAL A 72 13.93 9.08 -4.99
C VAL A 72 12.48 9.23 -4.56
N VAL A 73 11.93 8.14 -4.04
CA VAL A 73 10.60 8.09 -3.43
C VAL A 73 10.80 8.03 -1.92
N VAL A 74 10.26 9.01 -1.19
CA VAL A 74 10.37 9.09 0.26
C VAL A 74 8.97 8.89 0.83
N ALA A 75 8.83 7.97 1.78
CA ALA A 75 7.53 7.67 2.38
C ALA A 75 7.67 7.70 3.88
N GLU A 76 6.75 8.37 4.55
CA GLU A 76 6.63 8.29 6.00
C GLU A 76 5.54 7.26 6.26
N VAL A 77 5.95 6.11 6.78
CA VAL A 77 5.15 4.89 6.84
C VAL A 77 4.63 4.57 8.23
N THR A 78 4.58 5.54 9.14
CA THR A 78 4.10 5.30 10.50
C THR A 78 2.59 5.10 10.54
N GLN A 79 1.83 5.97 9.87
CA GLN A 79 0.37 5.85 9.85
C GLN A 79 -0.05 4.86 8.77
N PRO A 80 -0.74 3.78 9.09
CA PRO A 80 -1.12 2.83 8.03
C PRO A 80 -1.99 3.48 6.97
N SER A 81 -1.74 3.13 5.72
CA SER A 81 -2.41 3.76 4.58
C SER A 81 -2.34 2.86 3.36
N LEU A 82 -3.50 2.60 2.76
CA LEU A 82 -3.50 1.83 1.52
C LEU A 82 -2.75 2.57 0.42
N GLY A 83 -2.96 3.88 0.31
CA GLY A 83 -2.38 4.62 -0.80
C GLY A 83 -0.87 4.67 -0.73
N VAL A 84 -0.31 4.87 0.47
CA VAL A 84 1.13 4.86 0.64
C VAL A 84 1.68 3.48 0.31
N GLY A 85 1.04 2.42 0.79
CA GLY A 85 1.48 1.08 0.44
C GLY A 85 1.47 0.82 -1.05
N TYR A 86 0.40 1.25 -1.71
CA TYR A 86 0.27 1.09 -3.15
C TYR A 86 1.35 1.84 -3.90
N GLU A 87 1.59 3.10 -3.53
CA GLU A 87 2.67 3.86 -4.14
C GLU A 87 4.00 3.13 -4.01
N LEU A 88 4.27 2.58 -2.82
CA LEU A 88 5.52 1.84 -2.60
C LEU A 88 5.59 0.58 -3.45
N GLY A 89 4.48 -0.15 -3.60
CA GLY A 89 4.49 -1.33 -4.45
C GLY A 89 4.75 -1.00 -5.90
N ARG A 90 4.07 0.03 -6.41
CA ARG A 90 4.34 0.45 -7.78
C ARG A 90 5.78 0.95 -7.92
N ALA A 91 6.29 1.66 -6.92
CA ALA A 91 7.65 2.19 -6.99
C ALA A 91 8.68 1.08 -7.06
N VAL A 92 8.49 0.03 -6.24
CA VAL A 92 9.42 -1.10 -6.27
C VAL A 92 9.42 -1.71 -7.66
N ALA A 93 8.23 -1.88 -8.24
CA ALA A 93 8.15 -2.50 -9.55
C ALA A 93 8.78 -1.64 -10.63
N PHE A 94 8.78 -0.31 -10.45
CA PHE A 94 9.53 0.58 -11.31
C PHE A 94 11.02 0.65 -10.97
N ASN A 95 11.48 -0.14 -9.98
CA ASN A 95 12.89 -0.15 -9.56
CA ASN A 95 12.89 -0.15 -9.55
C ASN A 95 13.36 1.24 -9.11
N LYS A 96 12.52 1.92 -8.34
CA LYS A 96 12.90 3.22 -7.82
C LYS A 96 13.72 3.07 -6.54
N ARG A 97 14.56 4.08 -6.31
CA ARG A 97 15.26 4.21 -5.03
C ARG A 97 14.19 4.70 -4.06
N ILE A 98 14.10 4.10 -2.90
CA ILE A 98 13.02 4.30 -1.93
C ILE A 98 13.61 4.44 -0.55
N LEU A 99 13.14 5.45 0.18
CA LEU A 99 13.48 5.66 1.59
C LEU A 99 12.17 5.70 2.36
N CYS A 100 11.97 4.75 3.26
CA CYS A 100 10.85 4.73 4.17
C CYS A 100 11.30 5.12 5.57
N LEU A 101 10.48 5.92 6.24
CA LEU A 101 10.77 6.49 7.56
C LEU A 101 9.65 6.05 8.50
N PHE A 102 10.03 5.39 9.62
CA PHE A 102 9.08 4.81 10.55
C PHE A 102 9.44 5.21 11.97
N ARG A 103 8.43 5.55 12.77
CA ARG A 103 8.62 5.96 14.16
C ARG A 103 8.12 4.88 15.12
N PRO A 104 9.02 4.07 15.69
CA PRO A 104 8.57 3.06 16.66
C PRO A 104 7.91 3.63 17.90
N GLN A 105 8.23 4.87 18.28
CA GLN A 105 7.61 5.47 19.46
C GLN A 105 6.10 5.66 19.26
N SER A 106 5.60 5.52 18.03
CA SER A 106 4.16 5.52 17.78
C SER A 106 3.44 4.37 18.48
N GLY A 107 4.16 3.31 18.86
CA GLY A 107 3.55 2.13 19.45
C GLY A 107 3.10 1.10 18.44
N ARG A 108 3.20 1.39 17.16
CA ARG A 108 2.80 0.47 16.12
C ARG A 108 3.95 -0.45 15.76
N VAL A 109 3.60 -1.58 15.14
CA VAL A 109 4.57 -2.46 14.50
C VAL A 109 4.44 -2.25 13.00
N LEU A 110 5.52 -1.86 12.34
CA LEU A 110 5.47 -1.62 10.91
C LEU A 110 5.16 -2.89 10.15
N SER A 111 4.24 -2.78 9.18
CA SER A 111 3.92 -3.82 8.23
C SER A 111 5.13 -4.65 7.83
N ALA A 112 4.96 -5.98 7.85
CA ALA A 112 6.01 -6.86 7.37
C ALA A 112 6.27 -6.64 5.89
N MET A 113 5.27 -6.19 5.13
CA MET A 113 5.47 -6.02 3.70
C MET A 113 6.42 -4.87 3.40
N ILE A 114 6.47 -3.88 4.27
CA ILE A 114 7.36 -2.74 4.08
C ILE A 114 8.70 -3.00 4.72
N ARG A 115 8.70 -3.47 5.98
CA ARG A 115 9.94 -3.84 6.66
C ARG A 115 10.67 -4.90 5.85
N GLY A 116 9.95 -5.90 5.35
CA GLY A 116 10.53 -6.99 4.59
C GLY A 116 10.88 -6.69 3.16
N ALA A 117 10.38 -5.58 2.60
CA ALA A 117 10.76 -5.19 1.25
C ALA A 117 12.13 -4.55 1.20
N ALA A 118 12.69 -4.16 2.34
CA ALA A 118 13.95 -3.45 2.37
C ALA A 118 15.09 -4.38 1.97
N ASP A 119 15.97 -3.86 1.12
CA ASP A 119 17.20 -4.56 0.77
C ASP A 119 18.44 -3.77 1.20
N GLY A 120 18.25 -2.70 2.00
CA GLY A 120 19.35 -1.97 2.58
C GLY A 120 20.09 -1.04 1.65
N SER A 121 19.74 -1.00 0.37
CA SER A 121 20.37 -0.06 -0.55
C SER A 121 19.31 0.65 -1.40
N ARG A 122 18.73 -0.04 -2.37
CA ARG A 122 17.70 0.59 -3.19
C ARG A 122 16.40 0.85 -2.44
N PHE A 123 16.07 0.02 -1.47
CA PHE A 123 14.86 0.16 -0.66
C PHE A 123 15.35 0.13 0.78
N GLN A 124 15.32 1.28 1.46
CA GLN A 124 15.80 1.39 2.82
C GLN A 124 14.63 1.77 3.73
N VAL A 125 14.61 1.20 4.93
CA VAL A 125 13.66 1.56 5.98
C VAL A 125 14.46 2.03 7.17
N TRP A 126 14.25 3.27 7.60
CA TRP A 126 14.93 3.85 8.74
C TRP A 126 13.93 4.08 9.87
N ASP A 127 14.20 3.52 11.04
CA ASP A 127 13.45 3.84 12.24
C ASP A 127 14.05 5.08 12.84
N TYR A 128 13.22 6.00 13.34
CA TYR A 128 13.73 7.29 13.80
C TYR A 128 12.79 7.89 14.84
N GLU A 129 13.28 8.90 15.55
CA GLU A 129 12.50 9.72 16.45
C GLU A 129 12.11 11.03 15.76
N GLU A 130 10.89 11.52 16.03
CA GLU A 130 10.28 12.56 15.20
C GLU A 130 11.14 13.80 15.08
N GLY A 131 11.80 14.22 16.16
CA GLY A 131 12.55 15.47 16.14
C GLY A 131 13.74 15.47 15.21
N GLU A 132 14.18 14.29 14.80
CA GLU A 132 15.41 14.12 14.04
C GLU A 132 15.20 14.02 12.54
N VAL A 133 13.98 14.20 12.04
CA VAL A 133 13.74 13.86 10.64
C VAL A 133 14.59 14.70 9.70
N GLU A 134 14.77 15.98 9.99
CA GLU A 134 15.54 16.84 9.10
C GLU A 134 16.99 16.39 9.03
N ALA A 135 17.58 16.06 10.17
CA ALA A 135 18.96 15.58 10.18
C ALA A 135 19.10 14.25 9.46
N LEU A 136 18.12 13.38 9.61
CA LEU A 136 18.18 12.08 8.93
C LEU A 136 18.14 12.29 7.43
N LEU A 137 17.24 13.17 6.97
CA LEU A 137 17.16 13.47 5.54
C LEU A 137 18.47 14.09 5.06
N ASP A 138 19.08 14.96 5.86
CA ASP A 138 20.40 15.50 5.52
C ASP A 138 21.39 14.37 5.27
N ARG A 139 21.42 13.38 6.17
CA ARG A 139 22.39 12.29 6.01
C ARG A 139 22.08 11.47 4.76
N TYR A 140 20.82 11.22 4.47
CA TYR A 140 20.49 10.41 3.29
C TYR A 140 20.81 11.16 2.00
N PHE A 141 20.47 12.44 1.93
CA PHE A 141 20.67 13.25 0.73
C PHE A 141 21.98 14.02 0.75
N GLU A 142 22.88 13.73 1.70
CA GLU A 142 24.15 14.42 1.89
C GLU A 142 24.98 14.25 0.64
N PRO B 4 -7.74 -22.60 -10.27
CA PRO B 4 -7.47 -21.15 -10.26
C PRO B 4 -6.92 -20.65 -8.91
N ALA B 5 -5.75 -20.05 -8.91
CA ALA B 5 -5.03 -19.75 -7.68
C ALA B 5 -5.42 -18.36 -7.19
N LEU B 6 -5.81 -18.25 -5.92
CA LEU B 6 -6.32 -17.03 -5.34
C LEU B 6 -5.41 -16.55 -4.21
N TYR B 7 -5.19 -15.24 -4.16
CA TYR B 7 -4.40 -14.61 -3.12
C TYR B 7 -5.28 -13.60 -2.40
N PHE B 8 -5.43 -13.78 -1.09
CA PHE B 8 -6.28 -12.88 -0.29
C PHE B 8 -5.44 -11.88 0.51
N CYS B 9 -5.85 -10.62 0.49
CA CYS B 9 -5.21 -9.54 1.23
C CYS B 9 -6.19 -8.91 2.22
N GLY B 10 -5.74 -8.68 3.45
CA GLY B 10 -6.49 -7.93 4.43
C GLY B 10 -5.57 -7.49 5.56
N SER B 11 -5.92 -6.40 6.23
CA SER B 11 -5.05 -5.80 7.23
C SER B 11 -4.69 -6.74 8.36
N ILE B 12 -3.43 -6.69 8.80
CA ILE B 12 -2.97 -7.35 10.02
C ILE B 12 -2.37 -6.29 10.93
N ARG B 13 -1.18 -5.79 10.60
CA ARG B 13 -0.57 -4.76 11.44
C ARG B 13 -1.25 -3.41 11.27
N GLY B 14 -2.04 -3.22 10.20
CA GLY B 14 -2.91 -2.07 10.18
C GLY B 14 -4.05 -2.14 11.18
N GLY B 15 -4.30 -3.30 11.76
CA GLY B 15 -5.40 -3.54 12.68
C GLY B 15 -6.18 -4.75 12.22
N ARG B 16 -6.65 -5.57 13.17
CA ARG B 16 -7.34 -6.82 12.91
C ARG B 16 -8.84 -6.71 13.15
N GLU B 17 -9.37 -5.49 13.06
CA GLU B 17 -10.79 -5.27 13.33
C GLU B 17 -11.69 -6.16 12.48
N ASP B 18 -11.32 -6.42 11.23
CA ASP B 18 -12.19 -7.15 10.31
C ASP B 18 -11.79 -8.61 10.15
N ARG B 19 -11.06 -9.16 11.11
CA ARG B 19 -10.57 -10.54 11.02
C ARG B 19 -11.69 -11.56 10.78
N THR B 20 -12.83 -11.43 11.46
CA THR B 20 -13.91 -12.40 11.27
C THR B 20 -14.42 -12.36 9.83
N LEU B 21 -14.58 -11.16 9.29
CA LEU B 21 -15.01 -11.02 7.91
C LEU B 21 -13.99 -11.62 6.94
N TYR B 22 -12.70 -11.43 7.20
CA TYR B 22 -11.69 -12.02 6.32
C TYR B 22 -11.83 -13.53 6.28
N GLU B 23 -12.10 -14.16 7.42
CA GLU B 23 -12.26 -15.61 7.43
C GLU B 23 -13.46 -16.03 6.60
N ARG B 24 -14.55 -15.25 6.65
CA ARG B 24 -15.71 -15.55 5.82
C ARG B 24 -15.38 -15.45 4.34
N ILE B 25 -14.63 -14.42 3.95
CA ILE B 25 -14.24 -14.29 2.55
C ILE B 25 -13.37 -15.45 2.12
N VAL B 26 -12.35 -15.78 2.93
CA VAL B 26 -11.45 -16.86 2.58
C VAL B 26 -12.20 -18.19 2.46
N SER B 27 -13.10 -18.45 3.42
CA SER B 27 -13.92 -19.65 3.36
C SER B 27 -14.63 -19.76 2.03
N ARG B 28 -15.23 -18.67 1.55
CA ARG B 28 -15.96 -18.72 0.30
C ARG B 28 -15.01 -18.85 -0.89
N LEU B 29 -13.86 -18.19 -0.84
CA LEU B 29 -12.88 -18.29 -1.92
C LEU B 29 -12.42 -19.74 -2.12
N ARG B 30 -12.28 -20.51 -1.02
CA ARG B 30 -11.82 -21.90 -1.15
C ARG B 30 -12.74 -22.73 -2.04
N ARG B 31 -14.01 -22.34 -2.18
CA ARG B 31 -14.89 -23.07 -3.07
C ARG B 31 -14.51 -22.90 -4.54
N PHE B 32 -13.81 -21.82 -4.86
CA PHE B 32 -13.54 -21.46 -6.25
C PHE B 32 -12.13 -21.78 -6.70
N GLY B 33 -11.19 -21.94 -5.79
CA GLY B 33 -9.83 -22.22 -6.24
C GLY B 33 -8.89 -22.46 -5.07
N THR B 34 -7.62 -22.66 -5.44
CA THR B 34 -6.56 -22.79 -4.46
C THR B 34 -6.32 -21.43 -3.81
N VAL B 35 -6.54 -21.34 -2.51
CA VAL B 35 -6.21 -20.12 -1.76
C VAL B 35 -4.76 -20.26 -1.29
N LEU B 36 -3.90 -19.42 -1.84
CA LEU B 36 -2.47 -19.46 -1.54
C LEU B 36 -2.17 -18.84 -0.18
N GLY B 54 13.26 -16.27 9.73
CA GLY B 54 13.29 -15.54 8.47
C GLY B 54 12.82 -14.11 8.62
N GLY B 55 12.00 -13.87 9.63
CA GLY B 55 11.52 -12.53 9.92
C GLY B 55 10.59 -11.97 8.85
N ASP B 56 10.48 -10.65 8.87
CA ASP B 56 9.63 -9.99 7.90
C ASP B 56 10.15 -10.15 6.48
N ARG B 57 11.46 -10.26 6.28
CA ARG B 57 11.96 -10.46 4.92
CA ARG B 57 11.97 -10.47 4.92
C ARG B 57 11.40 -11.75 4.33
N LEU B 58 11.33 -12.83 5.12
CA LEU B 58 10.81 -14.09 4.59
C LEU B 58 9.33 -13.98 4.27
N ILE B 59 8.57 -13.27 5.11
CA ILE B 59 7.15 -13.03 4.81
C ILE B 59 7.01 -12.32 3.47
N HIS B 60 7.78 -11.25 3.27
CA HIS B 60 7.70 -10.49 2.03
C HIS B 60 8.05 -11.37 0.82
N GLU B 61 9.14 -12.12 0.91
CA GLU B 61 9.56 -12.93 -0.23
C GLU B 61 8.56 -14.04 -0.54
N GLN B 62 8.05 -14.71 0.50
CA GLN B 62 7.09 -15.78 0.25
C GLN B 62 5.81 -15.21 -0.35
N ASP B 63 5.34 -14.08 0.18
CA ASP B 63 4.11 -13.48 -0.33
C ASP B 63 4.28 -13.04 -1.78
N LEU B 64 5.45 -12.51 -2.13
CA LEU B 64 5.69 -12.10 -3.51
C LEU B 64 5.70 -13.30 -4.44
N GLU B 65 6.23 -14.43 -3.97
CA GLU B 65 6.17 -15.67 -4.73
C GLU B 65 4.72 -16.08 -4.99
N TRP B 66 3.89 -16.05 -3.94
CA TRP B 66 2.50 -16.42 -4.11
C TRP B 66 1.76 -15.45 -5.00
N LEU B 67 2.04 -14.15 -4.86
CA LEU B 67 1.38 -13.17 -5.70
C LEU B 67 1.67 -13.43 -7.17
N GLN B 68 2.92 -13.79 -7.48
CA GLN B 68 3.30 -14.10 -8.86
C GLN B 68 2.59 -15.35 -9.38
N GLN B 69 2.22 -16.26 -8.47
CA GLN B 69 1.54 -17.49 -8.84
C GLN B 69 0.03 -17.35 -8.91
N ALA B 70 -0.51 -16.21 -8.51
CA ALA B 70 -1.96 -16.07 -8.40
C ALA B 70 -2.60 -15.84 -9.76
N ASP B 71 -3.85 -16.29 -9.88
CA ASP B 71 -4.72 -15.91 -10.99
C ASP B 71 -5.64 -14.75 -10.64
N VAL B 72 -6.02 -14.62 -9.39
CA VAL B 72 -6.83 -13.50 -8.95
C VAL B 72 -6.35 -13.11 -7.58
N VAL B 73 -6.23 -11.80 -7.36
CA VAL B 73 -5.90 -11.24 -6.06
C VAL B 73 -7.16 -10.57 -5.53
N VAL B 74 -7.59 -10.97 -4.34
CA VAL B 74 -8.80 -10.44 -3.70
C VAL B 74 -8.39 -9.71 -2.43
N ALA B 75 -8.80 -8.46 -2.29
CA ALA B 75 -8.38 -7.66 -1.14
C ALA B 75 -9.60 -7.05 -0.48
N GLU B 76 -9.70 -7.14 0.83
CA GLU B 76 -10.70 -6.44 1.61
C GLU B 76 -10.00 -5.17 2.08
N VAL B 77 -10.41 -4.03 1.53
CA VAL B 77 -9.69 -2.77 1.62
C VAL B 77 -10.35 -1.77 2.58
N THR B 78 -11.21 -2.22 3.48
CA THR B 78 -11.90 -1.28 4.38
C THR B 78 -10.96 -0.73 5.45
N GLN B 79 -10.14 -1.58 6.08
CA GLN B 79 -9.21 -1.17 7.12
C GLN B 79 -7.92 -0.68 6.46
N PRO B 80 -7.51 0.58 6.67
CA PRO B 80 -6.28 1.05 6.00
C PRO B 80 -5.08 0.21 6.40
N SER B 81 -4.24 -0.13 5.44
CA SER B 81 -3.11 -1.03 5.69
C SER B 81 -2.03 -0.81 4.63
N LEU B 82 -0.80 -0.58 5.09
CA LEU B 82 0.31 -0.48 4.15
C LEU B 82 0.51 -1.77 3.38
N GLY B 83 0.41 -2.92 4.06
CA GLY B 83 0.73 -4.18 3.43
C GLY B 83 -0.27 -4.54 2.35
N VAL B 84 -1.56 -4.30 2.62
CA VAL B 84 -2.58 -4.55 1.59
C VAL B 84 -2.35 -3.65 0.39
N GLY B 85 -2.07 -2.35 0.63
CA GLY B 85 -1.79 -1.47 -0.49
C GLY B 85 -0.59 -1.91 -1.29
N TYR B 86 0.48 -2.33 -0.60
CA TYR B 86 1.70 -2.78 -1.26
C TYR B 86 1.43 -4.02 -2.10
N GLU B 87 0.72 -5.00 -1.53
CA GLU B 87 0.35 -6.19 -2.28
C GLU B 87 -0.42 -5.83 -3.54
N LEU B 88 -1.35 -4.90 -3.44
CA LEU B 88 -2.10 -4.48 -4.63
C LEU B 88 -1.20 -3.79 -5.65
N GLY B 89 -0.27 -2.95 -5.21
CA GLY B 89 0.64 -2.33 -6.17
C GLY B 89 1.52 -3.35 -6.87
N ARG B 90 2.09 -4.30 -6.13
CA ARG B 90 2.87 -5.36 -6.76
C ARG B 90 1.99 -6.19 -7.69
N ALA B 91 0.74 -6.47 -7.30
CA ALA B 91 -0.14 -7.29 -8.12
C ALA B 91 -0.42 -6.62 -9.45
N VAL B 92 -0.67 -5.31 -9.45
CA VAL B 92 -0.86 -4.60 -10.70
C VAL B 92 0.34 -4.80 -11.60
N ALA B 93 1.55 -4.61 -11.06
CA ALA B 93 2.76 -4.68 -11.88
C ALA B 93 3.06 -6.12 -12.30
N PHE B 94 2.57 -7.11 -11.57
CA PHE B 94 2.64 -8.51 -11.96
C PHE B 94 1.54 -8.90 -12.95
N ASN B 95 0.72 -7.94 -13.40
CA ASN B 95 -0.32 -8.20 -14.41
C ASN B 95 -1.40 -9.16 -13.92
N LYS B 96 -1.83 -8.99 -12.67
CA LYS B 96 -2.83 -9.85 -12.07
C LYS B 96 -4.22 -9.23 -12.14
N ARG B 97 -5.22 -10.08 -12.22
CA ARG B 97 -6.60 -9.69 -12.03
C ARG B 97 -6.89 -9.45 -10.55
N ILE B 98 -7.58 -8.35 -10.25
CA ILE B 98 -7.73 -7.85 -8.89
C ILE B 98 -9.18 -7.52 -8.60
N LEU B 99 -9.64 -7.93 -7.42
CA LEU B 99 -10.97 -7.62 -6.90
C LEU B 99 -10.79 -7.03 -5.51
N CYS B 100 -11.19 -5.77 -5.31
CA CYS B 100 -11.16 -5.12 -4.02
C CYS B 100 -12.58 -4.93 -3.51
N LEU B 101 -12.74 -5.10 -2.19
CA LEU B 101 -14.01 -5.09 -1.49
C LEU B 101 -13.95 -4.05 -0.39
N PHE B 102 -14.87 -3.09 -0.42
CA PHE B 102 -14.87 -1.97 0.52
C PHE B 102 -16.25 -1.79 1.12
N ARG B 103 -16.32 -1.55 2.45
CA ARG B 103 -17.58 -1.37 3.16
C ARG B 103 -17.82 0.08 3.49
N PRO B 104 -18.76 0.75 2.82
CA PRO B 104 -19.09 2.12 3.24
C PRO B 104 -19.62 2.23 4.65
N GLN B 105 -20.16 1.15 5.23
CA GLN B 105 -20.63 1.20 6.62
C GLN B 105 -19.49 1.56 7.58
N SER B 106 -18.24 1.42 7.16
CA SER B 106 -17.10 1.83 7.99
C SER B 106 -17.08 3.34 8.22
N GLY B 107 -17.77 4.11 7.40
CA GLY B 107 -17.72 5.56 7.44
C GLY B 107 -16.49 6.16 6.79
N ARG B 108 -15.57 5.33 6.30
CA ARG B 108 -14.35 5.84 5.67
CA ARG B 108 -14.36 5.84 5.68
C ARG B 108 -14.60 6.22 4.22
N VAL B 109 -13.73 7.09 3.71
CA VAL B 109 -13.63 7.37 2.29
C VAL B 109 -12.43 6.55 1.80
N LEU B 110 -12.67 5.59 0.92
CA LEU B 110 -11.59 4.72 0.45
C LEU B 110 -10.51 5.53 -0.25
N SER B 111 -9.26 5.19 0.03
CA SER B 111 -8.09 5.73 -0.67
C SER B 111 -8.33 5.99 -2.15
N ALA B 112 -7.93 7.19 -2.60
CA ALA B 112 -8.00 7.52 -4.02
C ALA B 112 -7.07 6.63 -4.84
N MET B 113 -5.99 6.11 -4.25
CA MET B 113 -5.06 5.28 -5.01
C MET B 113 -5.71 3.97 -5.39
N ILE B 114 -6.59 3.45 -4.55
CA ILE B 114 -7.25 2.18 -4.82
C ILE B 114 -8.48 2.40 -5.69
N ARG B 115 -9.34 3.35 -5.31
CA ARG B 115 -10.49 3.68 -6.12
C ARG B 115 -10.06 4.11 -7.50
N GLY B 116 -8.95 4.88 -7.60
CA GLY B 116 -8.49 5.39 -8.88
C GLY B 116 -7.71 4.41 -9.73
N ALA B 117 -7.19 3.33 -9.15
CA ALA B 117 -6.51 2.28 -9.89
C ALA B 117 -7.47 1.41 -10.65
N ALA B 118 -8.75 1.41 -10.26
CA ALA B 118 -9.72 0.50 -10.86
C ALA B 118 -10.01 0.89 -12.29
N ASP B 119 -10.23 -0.12 -13.12
CA ASP B 119 -10.65 0.08 -14.49
C ASP B 119 -11.98 -0.61 -14.78
N GLY B 120 -12.59 -1.23 -13.76
CA GLY B 120 -13.89 -1.85 -13.92
C GLY B 120 -13.89 -3.22 -14.55
N SER B 121 -12.74 -3.74 -14.96
CA SER B 121 -12.64 -5.05 -15.60
C SER B 121 -11.56 -5.86 -14.89
N ARG B 122 -10.27 -5.66 -15.24
CA ARG B 122 -9.21 -6.41 -14.58
C ARG B 122 -8.84 -5.89 -13.20
N PHE B 123 -9.24 -4.68 -12.84
CA PHE B 123 -9.08 -4.17 -11.48
C PHE B 123 -10.45 -3.60 -11.12
N GLN B 124 -11.18 -4.30 -10.25
CA GLN B 124 -12.52 -3.91 -9.84
C GLN B 124 -12.52 -3.54 -8.36
N VAL B 125 -13.21 -2.46 -8.03
CA VAL B 125 -13.43 -2.05 -6.64
C VAL B 125 -14.94 -2.01 -6.42
N TRP B 126 -15.43 -2.83 -5.51
CA TRP B 126 -16.85 -2.94 -5.19
C TRP B 126 -17.12 -2.47 -3.77
N ASP B 127 -18.04 -1.55 -3.64
CA ASP B 127 -18.68 -1.24 -2.36
C ASP B 127 -19.65 -2.34 -2.05
N TYR B 128 -19.73 -2.76 -0.78
CA TYR B 128 -20.65 -3.84 -0.43
C TYR B 128 -21.05 -3.71 1.03
N GLU B 129 -22.15 -4.39 1.36
CA GLU B 129 -22.62 -4.54 2.72
C GLU B 129 -22.21 -5.92 3.24
N GLU B 130 -21.82 -5.98 4.51
CA GLU B 130 -21.20 -7.21 5.03
C GLU B 130 -22.05 -8.45 4.79
N GLY B 131 -23.38 -8.33 4.93
CA GLY B 131 -24.23 -9.51 4.80
C GLY B 131 -24.21 -10.12 3.42
N GLU B 132 -23.83 -9.35 2.40
CA GLU B 132 -23.91 -9.79 1.01
C GLU B 132 -22.58 -10.28 0.45
N VAL B 133 -21.54 -10.39 1.27
CA VAL B 133 -20.21 -10.66 0.68
C VAL B 133 -20.18 -12.02 -0.01
N GLU B 134 -20.88 -13.01 0.55
CA GLU B 134 -20.87 -14.33 -0.07
C GLU B 134 -21.53 -14.28 -1.45
N ALA B 135 -22.66 -13.58 -1.56
CA ALA B 135 -23.35 -13.46 -2.84
C ALA B 135 -22.51 -12.69 -3.86
N LEU B 136 -21.84 -11.62 -3.41
CA LEU B 136 -20.98 -10.86 -4.33
C LEU B 136 -19.88 -11.74 -4.89
N LEU B 137 -19.23 -12.52 -4.02
CA LEU B 137 -18.17 -13.40 -4.50
C LEU B 137 -18.70 -14.48 -5.43
N ASP B 138 -19.87 -15.05 -5.12
CA ASP B 138 -20.48 -16.01 -6.03
C ASP B 138 -20.69 -15.41 -7.41
N ARG B 139 -21.16 -14.16 -7.45
CA ARG B 139 -21.39 -13.48 -8.72
C ARG B 139 -20.09 -13.28 -9.47
N TYR B 140 -19.07 -12.78 -8.76
CA TYR B 140 -17.79 -12.48 -9.41
C TYR B 140 -17.15 -13.75 -9.95
N PHE B 141 -17.18 -14.82 -9.16
CA PHE B 141 -16.62 -16.09 -9.59
C PHE B 141 -17.64 -16.91 -10.37
N GLU B 142 -18.71 -16.25 -10.84
CA GLU B 142 -19.70 -16.80 -11.77
C GLU B 142 -20.19 -18.15 -11.28
C3' A1BBC C . -0.28 9.80 -0.51
C4' A1BBC C . -1.15 8.58 -0.51
C5' A1BBC C . -2.19 8.61 0.58
C1' A1BBC C . -1.60 9.71 -2.59
C2 A1BBC C . -2.91 11.72 -3.46
C4 A1BBC C . -5.04 12.08 -2.70
C5 A1BBC C . -5.07 10.78 -1.96
C7 A1BBC C . -6.36 10.46 -1.19
C6 A1BBC C . -4.12 10.12 -1.91
C2' A1BBC C . -0.59 10.47 -1.78
F01 A1BBC C . -1.13 11.72 -1.42
N1 A1BBC C . -2.83 10.36 -2.64
N3 A1BBC C . -4.13 12.54 -3.34
O3' A1BBC C . 1.12 9.50 -0.35
O5' A1BBC C . -3.02 7.47 0.49
OP1 A1BBC C . -5.23 8.54 1.10
OP3 A1BBC C . -4.88 6.04 1.12
OP2 A1BBC C . -3.85 7.51 2.87
O4' A1BBC C . -1.79 8.50 -1.84
O07 A1BBC C . -6.53 9.08 -1.06
O4 A1BBC C . -6.00 12.80 -2.70
O2 A1BBC C . -1.91 11.99 -4.06
P A1BBC C . -4.33 7.38 1.46
H3' A1BBC C . -0.49 10.35 0.25
H4' A1BBC C . -0.60 7.80 -0.34
H5' A1BBC C . -2.73 9.42 0.48
H5'' A1BBC C . -1.75 8.63 1.44
H1' A1BBC C . -1.28 9.58 -3.49
H71 A1BBC C . -6.32 10.87 -0.31
H72 A1BBC C . -7.12 10.82 -1.68
H6 A1BBC C . -4.16 9.36 -1.36
H2' A1BBC C . 0.21 10.53 -2.32
H3 A1BBC C . -4.20 13.29 -3.73
HO3' A1BBC C . 1.47 9.34 -1.11
HO7 A1BBC C . -6.48 8.88 -0.22
C1 EDO D . 6.38 9.19 17.70
O1 EDO D . 6.56 10.46 17.15
C2 EDO D . 4.90 8.86 17.56
O2 EDO D . 4.24 10.09 17.29
H11 EDO D . 6.68 9.16 18.75
H12 EDO D . 6.98 8.45 17.16
HO1 EDO D . 7.49 10.71 17.20
H21 EDO D . 4.52 8.41 18.48
H22 EDO D . 4.74 8.14 16.74
HO2 EDO D . 3.28 9.93 17.20
C1 EDO E . 18.51 21.93 10.45
O1 EDO E . 17.61 22.92 10.96
C2 EDO E . 19.34 22.49 9.30
O2 EDO E . 19.45 23.92 9.42
H11 EDO E . 17.95 21.07 10.10
H12 EDO E . 19.19 21.60 11.24
HO1 EDO E . 17.10 22.53 11.69
H21 EDO E . 18.86 22.24 8.34
H22 EDO E . 20.33 22.04 9.30
HO2 EDO E . 19.96 24.26 8.68
C1 EDO F . 6.69 6.94 23.74
O1 EDO F . 7.69 5.99 23.34
C2 EDO F . 5.40 6.19 24.08
O2 EDO F . 4.53 6.17 22.94
H11 EDO F . 6.51 7.65 22.94
H12 EDO F . 7.03 7.50 24.61
HO1 EDO F . 8.51 6.45 23.13
H21 EDO F . 4.90 6.67 24.92
H22 EDO F . 5.64 5.16 24.37
HO2 EDO F . 3.74 5.66 23.15
C3' A1BBC G . -1.89 -9.05 4.32
C4' A1BBC G . -1.07 -7.80 4.44
C5' A1BBC G . -1.25 -7.13 5.76
C1' A1BBC G . 0.52 -9.60 4.31
C2 A1BBC G . 1.56 -11.47 5.78
C4 A1BBC G . 2.25 -10.96 7.88
C5 A1BBC G . 1.92 -9.50 7.69
C7 A1BBC G . 2.19 -8.53 8.85
C6 A1BBC G . 1.46 -9.08 6.73
C2' A1BBC G . -0.88 -10.15 4.27
F01 A1BBC G . -1.16 -10.98 5.40
N1 A1BBC G . 1.15 -9.92 5.52
N3 A1BBC G . 2.12 -11.86 7.10
O3' A1BBC G . -2.80 -9.04 3.21
O5' A1BBC G . -0.42 -5.99 5.84
OP1 A1BBC G . -1.69 -4.72 7.59
OP3 A1BBC G . 0.50 -3.98 6.86
OP2 A1BBC G . 0.21 -6.07 8.28
O4' A1BBC G . 0.35 -8.16 4.26
O07 A1BBC G . 2.52 -7.23 8.41
O4 A1BBC G . 2.70 -11.33 8.94
O2 A1BBC G . 1.37 -12.19 4.86
P A1BBC G . -0.34 -5.15 7.22
H3' A1BBC G . -2.47 -9.15 5.09
H4' A1BBC G . -1.35 -7.18 3.74
H5' A1BBC G . -1.01 -7.75 6.47
H5'' A1BBC G . -2.18 -6.86 5.86
H1' A1BBC G . 1.04 -9.97 3.58
H71 A1BBC G . 2.92 -8.87 9.37
H72 A1BBC G . 1.39 -8.48 9.40
H6 A1BBC G . 1.29 -8.17 6.70
H2' A1BBC G . -0.94 -10.64 3.44
H3 A1BBC G . 2.33 -12.66 7.30
HO3' A1BBC G . -2.40 -9.33 2.52
HO7 A1BBC G . 2.05 -6.66 8.84
C1 EDO H . -12.76 8.41 9.25
O1 EDO H . -12.97 9.48 10.17
C2 EDO H . -13.99 8.25 8.35
O2 EDO H . -14.19 9.24 7.32
H11 EDO H . -12.58 7.48 9.79
H12 EDO H . -11.89 8.63 8.63
HO1 EDO H . -12.21 9.54 10.76
H21 EDO H . -14.88 8.25 8.99
H22 EDO H . -13.93 7.27 7.86
HO2 EDO H . -14.99 9.03 6.82
C1 EDO I . -7.44 -16.21 10.08
O1 EDO I . -8.15 -15.56 11.09
C2 EDO I . -6.24 -15.47 9.68
O2 EDO I . -5.09 -16.26 9.75
H11 EDO I . -8.03 -16.33 9.30
H12 EDO I . -7.17 -17.10 10.39
HO1 EDO I . -8.13 -14.73 10.95
H21 EDO I . -6.14 -14.69 10.27
H22 EDO I . -6.36 -15.14 8.76
HO2 EDO I . -4.50 -15.96 9.20
C1 EDO J . -3.70 -16.55 5.97
O1 EDO J . -4.70 -16.11 6.91
C2 EDO J . -2.71 -15.42 5.70
O2 EDO J . -2.08 -15.00 6.92
H11 EDO J . -4.18 -16.84 5.04
H12 EDO J . -3.17 -17.41 6.37
HO1 EDO J . -5.34 -16.82 7.05
H21 EDO J . -3.22 -14.58 5.23
H22 EDO J . -1.95 -15.77 5.00
HO2 EDO J . -1.45 -14.29 6.73
C1 EDO K . 17.81 -8.13 6.23
C1 EDO K . 17.61 -10.41 5.11
O1 EDO K . 17.50 -9.33 6.95
O1 EDO K . 18.03 -9.17 4.51
C2 EDO K . 17.60 -8.32 4.74
C2 EDO K . 17.89 -10.40 6.61
O2 EDO K . 17.89 -9.68 4.38
O2 EDO K . 17.49 -9.15 7.19
H11 EDO K . 18.86 -7.86 6.42
H11 EDO K . 18.14 -11.24 4.64
H12 EDO K . 17.19 -7.32 6.60
H12 EDO K . 16.55 -10.54 4.94
HO1 EDO K . 17.65 -9.20 7.89
HO1 EDO K . 17.85 -9.20 3.57
H21 EDO K . 18.24 -7.65 4.18
H21 EDO K . 18.96 -10.55 6.79
H22 EDO K . 16.56 -8.08 4.49
H22 EDO K . 17.36 -11.22 7.09
HO2 EDO K . 17.74 -9.80 3.42
HO2 EDO K . 17.69 -9.15 8.14
C1 PEG L . -4.22 -13.21 7.48
O1 PEG L . -3.78 -13.69 8.76
C2 PEG L . -5.10 -12.00 7.59
O2 PEG L . -6.36 -12.33 8.18
C3 PEG L . -6.54 -11.85 9.51
C4 PEG L . -6.86 -10.37 9.52
O4 PEG L . -6.35 -9.55 10.59
H11 PEG L . -4.71 -13.92 7.03
H12 PEG L . -3.44 -12.97 6.95
HO1 PEG L . -3.62 -13.09 9.32
H21 PEG L . -5.27 -11.64 6.69
H22 PEG L . -4.67 -11.33 8.13
H31 PEG L . -5.72 -11.99 10.01
H32 PEG L . -7.26 -12.34 9.93
H41 PEG L . -7.83 -10.29 9.55
H42 PEG L . -6.52 -9.99 8.69
HO4 PEG L . -6.94 -9.12 11.00
#